data_5OD8
#
_entry.id   5OD8
#
_cell.length_a   137.410
_cell.length_b   41.900
_cell.length_c   97.490
_cell.angle_alpha   90.00
_cell.angle_beta   108.37
_cell.angle_gamma   90.00
#
_symmetry.space_group_name_H-M   'C 1 2 1'
#
loop_
_entity.id
_entity.type
_entity.pdbx_description
1 polymer 'B2 Fab fragment - heavy chain'
2 polymer 'B2 Fab fragment - Light chain'
3 water water
#
loop_
_entity_poly.entity_id
_entity_poly.type
_entity_poly.pdbx_seq_one_letter_code
_entity_poly.pdbx_strand_id
1 'polypeptide(L)'
;QVQLVQSGAEVKKPGSSVKVSCRASGGTFSNYVISWVRQAPGQGLEWMGGIIPIFGTAHYAQKFQGRVTITADASTSTAY
MELSSLRSEDTAVYYCARINTSPILTGYYFPGVHDYWGQGTLVTVSSASTKGPSVFPLAPSSKSTSGGTAALGCLVKDYF
PEPVTVSWNSGALTSGVHTFPAVLQSSGLYSLSSVVTVPSSSLGTQTYICNVNHKPSNTKVDKKVEPKSC
;
A
2 'polypeptide(L)'
;AIRMTQSPSSVSASVGDRVTITCRASQSISSWLAWYQQKPGKAPKLLIYSASSLQSGVPSRFSGSGSGTDFTLTISSLQP
EDFATYYCQQANSFPFTFGPGTKVDIKRTVAAPSVFIFPPSDEQLKSGTASVVCLLNNFYPREAKVQWKVDNALQSGNSQ
ESVTEQDSKDSTYSLSSTLTLSKADYEKHKVYACEVTHQGLSSPVTKSFNRGEC
;
B
#
# COMPACT_ATOMS: atom_id res chain seq x y z
N GLN A 1 -4.88 -30.12 -2.82
CA GLN A 1 -4.66 -30.40 -1.37
C GLN A 1 -4.11 -29.15 -0.66
N VAL A 2 -2.96 -28.65 -1.11
CA VAL A 2 -2.16 -27.66 -0.33
C VAL A 2 -2.95 -26.38 -0.09
N GLN A 3 -2.97 -25.98 1.17
CA GLN A 3 -3.81 -24.88 1.62
C GLN A 3 -3.19 -24.39 2.89
N LEU A 4 -2.99 -23.08 3.02
CA LEU A 4 -2.66 -22.45 4.28
C LEU A 4 -3.70 -21.39 4.53
N VAL A 5 -4.57 -21.63 5.50
CA VAL A 5 -5.68 -20.71 5.79
C VAL A 5 -5.43 -20.05 7.13
N GLN A 6 -5.35 -18.73 7.12
CA GLN A 6 -4.98 -17.95 8.29
C GLN A 6 -6.19 -17.36 8.95
N SER A 7 -6.05 -17.01 10.23
CA SER A 7 -7.13 -16.37 10.99
C SER A 7 -7.40 -14.94 10.51
N GLY A 8 -8.54 -14.42 10.97
CA GLY A 8 -9.01 -13.10 10.59
C GLY A 8 -8.25 -11.91 11.17
N ALA A 9 -8.55 -10.75 10.61
CA ALA A 9 -7.88 -9.49 10.97
C ALA A 9 -8.04 -9.15 12.46
N GLU A 10 -7.03 -8.49 13.01
CA GLU A 10 -6.97 -8.15 14.44
C GLU A 10 -6.66 -6.69 14.63
N VAL A 11 -7.24 -6.11 15.68
CA VAL A 11 -6.99 -4.76 16.12
C VAL A 11 -6.52 -4.84 17.56
N LYS A 12 -5.30 -4.39 17.86
CA LYS A 12 -4.76 -4.50 19.23
C LYS A 12 -4.22 -3.18 19.77
N LYS A 13 -4.19 -3.07 21.08
CA LYS A 13 -3.63 -1.92 21.75
C LYS A 13 -2.12 -2.13 21.94
N PRO A 14 -1.32 -1.03 21.95
CA PRO A 14 0.08 -1.12 22.35
C PRO A 14 0.25 -1.81 23.71
N GLY A 15 1.21 -2.74 23.80
CA GLY A 15 1.47 -3.48 25.04
C GLY A 15 0.87 -4.88 25.06
N SER A 16 -0.14 -5.13 24.21
CA SER A 16 -0.85 -6.40 24.18
C SER A 16 -0.12 -7.38 23.26
N SER A 17 -0.61 -8.61 23.20
CA SER A 17 -0.08 -9.62 22.30
C SER A 17 -1.19 -10.14 21.38
N VAL A 18 -0.77 -10.73 20.27
CA VAL A 18 -1.68 -11.23 19.26
C VAL A 18 -1.19 -12.61 18.91
N LYS A 19 -2.15 -13.49 18.63
CA LYS A 19 -1.86 -14.87 18.28
C LYS A 19 -2.64 -15.22 17.03
N VAL A 20 -1.89 -15.48 15.97
CA VAL A 20 -2.39 -15.72 14.63
C VAL A 20 -2.23 -17.18 14.30
N SER A 21 -3.22 -17.76 13.63
CA SER A 21 -3.21 -19.18 13.33
C SER A 21 -3.09 -19.37 11.83
N CYS A 22 -2.44 -20.46 11.46
CA CYS A 22 -2.23 -20.85 10.08
C CYS A 22 -2.60 -22.33 9.97
N ARG A 23 -3.83 -22.60 9.52
CA ARG A 23 -4.31 -23.98 9.41
C ARG A 23 -3.84 -24.57 8.10
N ALA A 24 -3.20 -25.73 8.17
CA ALA A 24 -2.53 -26.36 7.02
C ALA A 24 -3.18 -27.68 6.64
N SER A 25 -3.09 -28.01 5.35
CA SER A 25 -3.34 -29.40 4.86
C SER A 25 -2.38 -30.45 5.42
N GLY A 26 -2.91 -31.63 5.75
CA GLY A 26 -2.15 -32.67 6.46
C GLY A 26 -0.75 -32.99 5.97
N GLY A 27 -0.58 -33.06 4.64
CA GLY A 27 0.70 -33.41 4.02
C GLY A 27 1.74 -32.31 4.19
N THR A 28 1.28 -31.07 4.10
CA THR A 28 2.10 -29.89 4.32
C THR A 28 2.61 -29.83 5.78
N PHE A 29 1.69 -29.95 6.72
CA PHE A 29 1.99 -29.99 8.15
C PHE A 29 3.06 -31.03 8.45
N SER A 30 2.88 -32.22 7.88
CA SER A 30 3.66 -33.39 8.28
C SER A 30 5.09 -33.39 7.75
N ASN A 31 5.32 -32.79 6.59
CA ASN A 31 6.57 -32.95 5.85
C ASN A 31 7.48 -31.72 5.80
N TYR A 32 6.98 -30.53 6.12
CA TYR A 32 7.66 -29.26 5.82
C TYR A 32 7.71 -28.28 6.99
N VAL A 33 8.55 -27.25 6.85
CA VAL A 33 8.61 -26.12 7.78
C VAL A 33 7.49 -25.14 7.45
N ILE A 34 6.92 -24.52 8.48
CA ILE A 34 6.01 -23.39 8.30
C ILE A 34 6.72 -22.13 8.78
N SER A 35 6.93 -21.20 7.84
CA SER A 35 7.63 -19.95 8.08
C SER A 35 6.64 -18.78 8.20
N TRP A 36 7.03 -17.77 8.97
CA TRP A 36 6.24 -16.55 9.14
C TRP A 36 6.99 -15.32 8.61
N VAL A 37 6.31 -14.53 7.80
CA VAL A 37 6.88 -13.35 7.15
C VAL A 37 5.85 -12.24 7.27
N ARG A 38 6.26 -11.05 7.67
CA ARG A 38 5.32 -9.91 7.76
C ARG A 38 5.68 -8.81 6.77
N GLN A 39 4.69 -7.97 6.49
CA GLN A 39 4.79 -6.88 5.53
C GLN A 39 3.97 -5.68 6.02
N ALA A 40 4.69 -4.66 6.51
CA ALA A 40 4.07 -3.41 6.93
C ALA A 40 3.50 -2.70 5.71
N PRO A 41 2.45 -1.86 5.92
CA PRO A 41 1.75 -1.22 4.80
C PRO A 41 2.71 -0.36 3.99
N GLY A 42 2.66 -0.54 2.67
CA GLY A 42 3.57 0.11 1.75
C GLY A 42 4.98 -0.42 1.71
N GLN A 43 5.29 -1.46 2.51
CA GLN A 43 6.69 -1.91 2.73
C GLN A 43 7.01 -3.29 2.13
N GLY A 44 8.25 -3.74 2.36
CA GLY A 44 8.74 -5.01 1.93
C GLY A 44 8.43 -6.14 2.89
N LEU A 45 9.09 -7.26 2.64
CA LEU A 45 8.86 -8.52 3.32
C LEU A 45 9.98 -8.83 4.34
N GLU A 46 9.58 -9.30 5.51
CA GLU A 46 10.49 -9.48 6.63
C GLU A 46 10.30 -10.84 7.30
N TRP A 47 11.33 -11.67 7.31
CA TRP A 47 11.25 -13.00 7.90
C TRP A 47 11.22 -12.90 9.41
N MET A 48 10.30 -13.63 10.03
CA MET A 48 10.19 -13.65 11.49
C MET A 48 10.77 -14.92 12.13
N GLY A 49 10.61 -16.06 11.47
CA GLY A 49 11.02 -17.34 12.04
C GLY A 49 10.28 -18.46 11.37
N GLY A 50 10.52 -19.69 11.81
CA GLY A 50 9.79 -20.84 11.29
C GLY A 50 9.82 -22.00 12.27
N ILE A 51 9.03 -23.03 11.99
CA ILE A 51 8.86 -24.15 12.90
C ILE A 51 8.78 -25.46 12.11
N ILE A 52 9.28 -26.54 12.70
CA ILE A 52 9.06 -27.88 12.15
C ILE A 52 7.87 -28.51 12.91
N PRO A 53 6.63 -28.40 12.35
CA PRO A 53 5.41 -28.67 13.16
C PRO A 53 5.36 -30.03 13.87
N ILE A 54 5.87 -31.08 13.22
CA ILE A 54 5.84 -32.43 13.78
C ILE A 54 6.72 -32.61 15.02
N PHE A 55 7.80 -31.81 15.10
CA PHE A 55 8.67 -31.76 16.28
C PHE A 55 8.36 -30.57 17.20
N GLY A 56 7.91 -29.45 16.62
CA GLY A 56 7.75 -28.19 17.36
C GLY A 56 9.03 -27.37 17.45
N THR A 57 10.03 -27.71 16.64
CA THR A 57 11.32 -27.03 16.66
C THR A 57 11.15 -25.68 16.03
N ALA A 58 11.53 -24.60 16.74
CA ALA A 58 11.35 -23.21 16.23
C ALA A 58 12.67 -22.45 16.16
N HIS A 59 12.90 -21.74 15.07
CA HIS A 59 14.03 -20.82 14.91
C HIS A 59 13.46 -19.46 14.57
N TYR A 60 13.99 -18.43 15.21
CA TYR A 60 13.46 -17.07 15.10
C TYR A 60 14.50 -16.15 14.56
N ALA A 61 14.06 -15.17 13.79
CA ALA A 61 14.94 -14.09 13.41
C ALA A 61 15.35 -13.37 14.70
N GLN A 62 16.59 -12.98 14.70
CA GLN A 62 17.21 -12.25 15.78
C GLN A 62 16.35 -11.02 16.22
N LYS A 63 15.90 -10.26 15.24
CA LYS A 63 15.07 -9.09 15.48
C LYS A 63 13.83 -9.33 16.36
N PHE A 64 13.25 -10.51 16.28
CA PHE A 64 12.01 -10.83 16.96
C PHE A 64 12.21 -11.70 18.19
N GLN A 65 13.43 -12.22 18.39
CA GLN A 65 13.70 -13.10 19.53
C GLN A 65 13.35 -12.35 20.79
N GLY A 66 12.70 -13.03 21.71
CA GLY A 66 12.16 -12.41 22.93
C GLY A 66 10.73 -11.93 22.84
N ARG A 67 10.20 -11.66 21.64
CA ARG A 67 8.80 -11.23 21.46
C ARG A 67 7.88 -12.20 20.70
N VAL A 68 8.47 -13.08 19.91
CA VAL A 68 7.73 -13.98 19.05
C VAL A 68 7.79 -15.40 19.62
N THR A 69 6.68 -16.11 19.53
CA THR A 69 6.64 -17.54 19.86
C THR A 69 5.89 -18.21 18.73
N ILE A 70 6.51 -19.21 18.13
CA ILE A 70 5.84 -19.99 17.10
C ILE A 70 5.60 -21.38 17.69
N THR A 71 4.39 -21.89 17.49
CA THR A 71 3.93 -23.19 18.02
C THR A 71 3.23 -23.96 16.90
N ALA A 72 2.92 -25.24 17.15
CA ALA A 72 2.15 -26.06 16.20
C ALA A 72 1.41 -27.15 16.95
N ASP A 73 0.27 -27.58 16.40
CA ASP A 73 -0.57 -28.61 17.02
C ASP A 73 -1.02 -29.60 15.95
N ALA A 74 -0.64 -30.87 16.11
CA ALA A 74 -0.90 -31.92 15.10
C ALA A 74 -2.36 -32.34 15.06
N SER A 75 -3.01 -32.36 16.22
CA SER A 75 -4.44 -32.64 16.32
C SER A 75 -5.36 -31.61 15.63
N THR A 76 -4.82 -30.43 15.24
CA THR A 76 -5.54 -29.46 14.40
C THR A 76 -4.86 -29.12 13.07
N SER A 77 -3.71 -29.73 12.79
CA SER A 77 -2.88 -29.36 11.64
C SER A 77 -2.58 -27.83 11.47
N THR A 78 -2.35 -27.16 12.59
CA THR A 78 -2.27 -25.70 12.63
C THR A 78 -0.98 -25.18 13.27
N ALA A 79 -0.40 -24.12 12.70
CA ALA A 79 0.72 -23.39 13.29
C ALA A 79 0.24 -22.03 13.79
N TYR A 80 0.83 -21.57 14.89
CA TYR A 80 0.47 -20.31 15.54
C TYR A 80 1.70 -19.44 15.69
N MET A 81 1.49 -18.14 15.56
CA MET A 81 2.52 -17.12 15.78
C MET A 81 1.98 -16.13 16.78
N GLU A 82 2.68 -16.00 17.91
CA GLU A 82 2.31 -15.04 18.94
C GLU A 82 3.37 -13.94 19.05
N LEU A 83 2.97 -12.69 18.85
CA LEU A 83 3.87 -11.52 19.00
C LEU A 83 3.41 -10.70 20.20
N SER A 84 4.30 -10.57 21.21
CA SER A 84 4.01 -9.86 22.46
C SER A 84 4.53 -8.43 22.43
N SER A 85 4.19 -7.64 23.46
CA SER A 85 4.53 -6.19 23.59
C SER A 85 4.41 -5.41 22.28
N LEU A 86 3.24 -5.49 21.67
CA LEU A 86 3.00 -4.89 20.37
C LEU A 86 3.15 -3.39 20.43
N ARG A 87 3.60 -2.82 19.32
CA ARG A 87 3.70 -1.39 19.15
C ARG A 87 3.09 -1.06 17.82
N SER A 88 2.92 0.22 17.55
CA SER A 88 2.39 0.66 16.25
C SER A 88 3.28 0.18 15.11
N GLU A 89 4.58 0.10 15.38
CA GLU A 89 5.57 -0.45 14.40
C GLU A 89 5.17 -1.82 13.87
N ASP A 90 4.50 -2.63 14.69
CA ASP A 90 4.11 -3.99 14.32
C ASP A 90 2.85 -4.10 13.45
N THR A 91 2.24 -2.95 13.11
CA THR A 91 1.09 -2.96 12.20
C THR A 91 1.55 -3.55 10.86
N ALA A 92 0.94 -4.66 10.47
CA ALA A 92 1.37 -5.36 9.29
C ALA A 92 0.44 -6.49 8.93
N VAL A 93 0.56 -6.93 7.68
CA VAL A 93 0.03 -8.20 7.23
C VAL A 93 1.05 -9.27 7.59
N TYR A 94 0.57 -10.27 8.32
CA TYR A 94 1.35 -11.41 8.77
C TYR A 94 1.01 -12.63 7.90
N TYR A 95 2.01 -13.14 7.17
CA TYR A 95 1.89 -14.32 6.34
C TYR A 95 2.52 -15.54 6.98
N CYS A 96 1.85 -16.69 6.88
CA CYS A 96 2.52 -17.98 7.02
C CYS A 96 2.80 -18.50 5.63
N ALA A 97 3.86 -19.30 5.52
CA ALA A 97 4.22 -19.90 4.27
C ALA A 97 5.02 -21.17 4.48
N ARG A 98 4.91 -22.08 3.51
CA ARG A 98 5.62 -23.34 3.57
C ARG A 98 7.01 -23.20 2.97
N ILE A 99 8.02 -23.71 3.66
CA ILE A 99 9.35 -23.80 3.08
C ILE A 99 9.48 -25.18 2.49
N ASN A 100 9.98 -25.23 1.26
CA ASN A 100 10.19 -26.45 0.50
C ASN A 100 11.65 -26.49 0.10
N THR A 101 12.39 -27.46 0.64
CA THR A 101 13.85 -27.55 0.43
C THR A 101 14.28 -28.26 -0.85
N SER A 102 13.38 -28.43 -1.84
CA SER A 102 13.81 -28.95 -3.15
C SER A 102 14.78 -27.96 -3.86
N PRO A 103 15.85 -28.47 -4.50
CA PRO A 103 16.10 -29.92 -4.76
C PRO A 103 16.79 -30.75 -3.65
N ILE A 104 17.10 -30.14 -2.49
CA ILE A 104 17.83 -30.84 -1.42
C ILE A 104 16.88 -31.79 -0.65
N LEU A 105 17.30 -33.04 -0.48
CA LEU A 105 16.50 -34.08 0.19
C LEU A 105 16.54 -33.94 1.73
N THR A 106 17.74 -33.77 2.27
CA THR A 106 17.95 -33.74 3.74
C THR A 106 17.75 -32.35 4.34
N GLY A 107 17.19 -32.31 5.55
CA GLY A 107 17.01 -31.05 6.27
C GLY A 107 15.70 -30.36 5.93
N TYR A 108 15.30 -29.48 6.83
CA TYR A 108 14.00 -28.84 6.80
C TYR A 108 14.00 -27.36 6.36
N TYR A 109 15.07 -26.63 6.63
CA TYR A 109 15.09 -25.17 6.44
C TYR A 109 15.77 -24.65 5.18
N PHE A 110 16.75 -25.37 4.65
CA PHE A 110 17.63 -24.87 3.59
C PHE A 110 17.61 -25.77 2.34
N PRO A 111 17.39 -25.23 1.14
CA PRO A 111 17.20 -23.80 0.88
C PRO A 111 15.79 -23.34 1.30
N GLY A 112 15.70 -22.12 1.81
CA GLY A 112 14.45 -21.59 2.36
C GLY A 112 13.51 -20.98 1.33
N VAL A 113 13.07 -21.81 0.40
CA VAL A 113 12.16 -21.38 -0.67
C VAL A 113 10.74 -21.43 -0.11
N HIS A 114 10.05 -20.30 -0.12
CA HIS A 114 8.66 -20.22 0.37
C HIS A 114 7.73 -20.48 -0.82
N ASP A 115 7.34 -21.73 -1.03
CA ASP A 115 6.62 -22.10 -2.25
C ASP A 115 5.08 -21.92 -2.25
N TYR A 116 4.45 -21.96 -1.08
CA TYR A 116 3.03 -21.61 -0.92
C TYR A 116 2.85 -20.69 0.26
N TRP A 117 1.99 -19.68 0.10
CA TRP A 117 1.74 -18.70 1.14
C TRP A 117 0.27 -18.65 1.54
N GLY A 118 0.01 -18.43 2.82
CA GLY A 118 -1.34 -18.12 3.24
C GLY A 118 -1.77 -16.75 2.77
N GLN A 119 -3.03 -16.41 3.01
CA GLN A 119 -3.65 -15.16 2.52
C GLN A 119 -3.24 -13.93 3.33
N GLY A 120 -2.68 -14.14 4.50
CA GLY A 120 -2.23 -13.06 5.33
C GLY A 120 -3.30 -12.74 6.36
N THR A 121 -2.83 -12.17 7.46
CA THR A 121 -3.65 -11.72 8.55
C THR A 121 -3.16 -10.32 8.91
N LEU A 122 -4.04 -9.35 8.76
CA LEU A 122 -3.71 -7.96 9.07
C LEU A 122 -3.83 -7.75 10.57
N VAL A 123 -2.73 -7.28 11.16
CA VAL A 123 -2.75 -6.85 12.53
C VAL A 123 -2.46 -5.34 12.54
N THR A 124 -3.40 -4.57 13.09
CA THR A 124 -3.30 -3.14 13.24
C THR A 124 -3.10 -2.83 14.70
N VAL A 125 -2.02 -2.14 15.05
CA VAL A 125 -1.74 -1.78 16.44
C VAL A 125 -1.91 -0.27 16.63
N SER A 126 -2.80 0.10 17.54
CA SER A 126 -3.17 1.49 17.75
C SER A 126 -3.88 1.67 19.09
N SER A 127 -3.70 2.83 19.71
CA SER A 127 -4.33 3.12 20.99
C SER A 127 -5.77 3.60 20.79
N ALA A 128 -6.14 3.87 19.54
CA ALA A 128 -7.44 4.43 19.22
C ALA A 128 -8.56 3.44 19.45
N SER A 129 -9.73 3.99 19.69
CA SER A 129 -10.95 3.22 19.83
C SER A 129 -11.79 3.43 18.60
N THR A 130 -12.76 2.56 18.41
CA THR A 130 -13.64 2.64 17.25
C THR A 130 -14.30 4.03 17.21
N LYS A 131 -14.31 4.62 16.02
CA LYS A 131 -14.80 5.99 15.83
C LYS A 131 -15.16 6.24 14.38
N GLY A 132 -16.37 6.76 14.18
CA GLY A 132 -16.85 7.14 12.86
C GLY A 132 -16.24 8.44 12.35
N PRO A 133 -16.23 8.63 11.02
CA PRO A 133 -15.58 9.80 10.42
C PRO A 133 -16.38 11.08 10.53
N SER A 134 -15.66 12.19 10.45
CA SER A 134 -16.25 13.48 10.17
C SER A 134 -16.03 13.66 8.69
N VAL A 135 -17.05 14.13 7.98
CA VAL A 135 -17.01 14.24 6.53
C VAL A 135 -17.15 15.72 6.14
N PHE A 136 -16.14 16.25 5.44
CA PHE A 136 -16.14 17.64 5.02
C PHE A 136 -16.19 17.80 3.48
N PRO A 137 -16.89 18.84 3.00
CA PRO A 137 -16.89 19.12 1.56
C PRO A 137 -15.53 19.59 1.08
N LEU A 138 -15.17 19.19 -0.14
CA LEU A 138 -14.07 19.77 -0.89
C LEU A 138 -14.73 20.50 -2.02
N ALA A 139 -14.94 21.80 -1.82
CA ALA A 139 -15.87 22.54 -2.63
C ALA A 139 -15.29 22.85 -4.00
N PRO A 140 -16.11 22.68 -5.06
CA PRO A 140 -15.69 23.18 -6.34
C PRO A 140 -15.64 24.70 -6.32
N SER A 141 -14.66 25.26 -7.01
CA SER A 141 -14.51 26.71 -7.12
C SER A 141 -13.97 27.01 -8.52
N SER A 142 -13.68 28.28 -8.81
CA SER A 142 -12.89 28.60 -10.01
C SER A 142 -11.45 28.09 -9.93
N LYS A 143 -10.98 27.71 -8.73
CA LYS A 143 -9.68 27.06 -8.53
C LYS A 143 -9.74 25.52 -8.57
N SER A 144 -10.91 24.94 -8.87
CA SER A 144 -11.00 23.51 -9.12
C SER A 144 -11.54 23.15 -10.52
N THR A 145 -11.48 24.10 -11.46
CA THR A 145 -11.92 23.86 -12.84
C THR A 145 -10.76 23.87 -13.84
N SER A 146 -10.81 22.93 -14.78
CA SER A 146 -9.99 22.91 -15.99
C SER A 146 -10.93 22.86 -17.19
N GLY A 147 -10.83 23.81 -18.11
CA GLY A 147 -11.71 23.84 -19.28
C GLY A 147 -13.17 23.85 -18.85
N GLY A 148 -13.99 22.97 -19.42
CA GLY A 148 -15.42 22.88 -19.08
C GLY A 148 -15.81 21.94 -17.94
N THR A 149 -14.84 21.47 -17.14
CA THR A 149 -15.11 20.54 -16.04
C THR A 149 -14.58 21.00 -14.68
N ALA A 150 -15.26 20.59 -13.61
CA ALA A 150 -14.95 21.01 -12.25
C ALA A 150 -14.67 19.80 -11.37
N ALA A 151 -13.64 19.91 -10.52
CA ALA A 151 -13.32 18.88 -9.53
C ALA A 151 -13.99 19.22 -8.21
N LEU A 152 -14.54 18.22 -7.53
CA LEU A 152 -15.12 18.39 -6.21
C LEU A 152 -14.92 17.09 -5.43
N GLY A 153 -15.23 17.11 -4.14
CA GLY A 153 -14.97 15.94 -3.33
C GLY A 153 -15.47 15.97 -1.92
N CYS A 154 -14.98 14.99 -1.15
CA CYS A 154 -15.24 14.85 0.27
C CYS A 154 -13.99 14.41 1.01
N LEU A 155 -13.72 15.08 2.13
CA LEU A 155 -12.67 14.71 3.04
C LEU A 155 -13.27 13.89 4.19
N VAL A 156 -12.84 12.64 4.29
CA VAL A 156 -13.36 11.69 5.27
C VAL A 156 -12.30 11.53 6.36
N LYS A 157 -12.50 12.26 7.46
CA LYS A 157 -11.44 12.48 8.45
C LYS A 157 -11.70 11.86 9.83
N ASP A 158 -10.65 11.38 10.48
CA ASP A 158 -10.64 11.02 11.91
C ASP A 158 -11.49 9.81 12.28
N TYR A 159 -11.28 8.72 11.53
CA TYR A 159 -12.00 7.47 11.77
C TYR A 159 -11.06 6.34 12.12
N PHE A 160 -11.61 5.33 12.79
CA PHE A 160 -10.86 4.13 13.12
C PHE A 160 -11.84 3.00 13.41
N PRO A 161 -11.57 1.77 12.97
CA PRO A 161 -10.48 1.39 12.08
C PRO A 161 -10.89 1.53 10.62
N GLU A 162 -9.96 1.21 9.71
CA GLU A 162 -10.28 0.99 8.29
C GLU A 162 -11.30 -0.13 8.23
N PRO A 163 -12.22 -0.16 7.25
CA PRO A 163 -12.31 0.78 6.15
C PRO A 163 -13.57 1.65 6.18
N VAL A 164 -13.57 2.65 5.31
CA VAL A 164 -14.79 3.38 4.95
C VAL A 164 -15.06 3.10 3.49
N THR A 165 -16.32 3.25 3.11
CA THR A 165 -16.70 3.23 1.71
C THR A 165 -17.34 4.57 1.34
N VAL A 166 -17.04 5.04 0.14
CA VAL A 166 -17.58 6.30 -0.39
C VAL A 166 -18.20 6.01 -1.74
N SER A 167 -19.43 6.45 -1.91
CA SER A 167 -20.07 6.48 -3.18
C SER A 167 -20.52 7.90 -3.41
N TRP A 168 -20.96 8.19 -4.64
CA TRP A 168 -21.44 9.51 -5.03
C TRP A 168 -22.88 9.43 -5.57
N ASN A 169 -23.73 10.36 -5.18
CA ASN A 169 -25.17 10.34 -5.49
C ASN A 169 -25.78 8.94 -5.38
N SER A 170 -25.57 8.31 -4.23
CA SER A 170 -26.09 6.97 -3.93
C SER A 170 -25.74 5.93 -4.99
N GLY A 171 -24.58 6.07 -5.63
CA GLY A 171 -24.07 5.11 -6.61
C GLY A 171 -24.31 5.43 -8.08
N ALA A 172 -25.10 6.46 -8.36
CA ALA A 172 -25.39 6.82 -9.74
C ALA A 172 -24.18 7.47 -10.46
N LEU A 173 -23.18 7.94 -9.70
CA LEU A 173 -22.03 8.64 -10.24
C LEU A 173 -20.79 7.83 -9.93
N THR A 174 -20.26 7.19 -10.97
CA THR A 174 -19.04 6.40 -10.88
C THR A 174 -17.92 6.96 -11.72
N SER A 175 -18.27 7.68 -12.79
CA SER A 175 -17.31 8.05 -13.81
C SER A 175 -16.47 9.23 -13.31
N GLY A 176 -15.15 9.09 -13.41
CA GLY A 176 -14.22 10.13 -12.99
C GLY A 176 -14.04 10.27 -11.49
N VAL A 177 -14.38 9.23 -10.72
CA VAL A 177 -14.20 9.22 -9.29
C VAL A 177 -12.82 8.66 -8.93
N HIS A 178 -12.14 9.27 -7.98
CA HIS A 178 -10.92 8.72 -7.40
C HIS A 178 -11.06 8.79 -5.89
N THR A 179 -11.17 7.63 -5.27
CA THR A 179 -11.18 7.51 -3.82
C THR A 179 -9.79 7.04 -3.42
N PHE A 180 -9.08 7.88 -2.70
CA PHE A 180 -7.69 7.67 -2.39
C PHE A 180 -7.50 6.73 -1.19
N PRO A 181 -6.34 6.06 -1.14
CA PRO A 181 -5.93 5.30 0.07
C PRO A 181 -5.87 6.18 1.31
N ALA A 182 -6.33 5.66 2.44
CA ALA A 182 -6.27 6.40 3.72
C ALA A 182 -4.83 6.57 4.20
N VAL A 183 -4.51 7.73 4.76
CA VAL A 183 -3.29 7.93 5.56
C VAL A 183 -3.59 7.88 7.07
N LEU A 184 -2.66 7.27 7.81
CA LEU A 184 -2.70 7.27 9.27
C LEU A 184 -2.09 8.56 9.81
N GLN A 185 -2.90 9.36 10.51
CA GLN A 185 -2.43 10.61 11.06
C GLN A 185 -1.66 10.35 12.37
N SER A 186 -1.03 11.40 12.89
CA SER A 186 -0.25 11.32 14.13
C SER A 186 -1.15 11.07 15.35
N SER A 187 -2.44 11.35 15.22
CA SER A 187 -3.42 11.04 16.27
C SER A 187 -3.83 9.55 16.35
N GLY A 188 -3.42 8.72 15.39
CA GLY A 188 -3.83 7.30 15.36
C GLY A 188 -5.12 7.02 14.58
N LEU A 189 -5.71 8.08 14.03
CA LEU A 189 -6.93 8.01 13.24
C LEU A 189 -6.66 8.18 11.75
N TYR A 190 -7.42 7.45 10.93
CA TYR A 190 -7.30 7.53 9.49
C TYR A 190 -8.03 8.72 8.89
N SER A 191 -7.62 9.01 7.66
CA SER A 191 -8.12 10.13 6.90
C SER A 191 -7.94 9.87 5.43
N LEU A 192 -8.92 10.26 4.65
CA LEU A 192 -9.04 9.84 3.28
C LEU A 192 -9.78 10.91 2.52
N SER A 193 -9.48 11.03 1.24
CA SER A 193 -10.30 11.90 0.38
C SER A 193 -10.89 11.12 -0.76
N SER A 194 -12.03 11.59 -1.24
CA SER A 194 -12.64 11.08 -2.47
C SER A 194 -13.02 12.28 -3.34
N VAL A 195 -12.58 12.23 -4.59
CA VAL A 195 -12.84 13.30 -5.54
C VAL A 195 -13.54 12.78 -6.79
N VAL A 196 -14.22 13.70 -7.48
CA VAL A 196 -14.85 13.43 -8.77
C VAL A 196 -14.78 14.69 -9.64
N THR A 197 -14.60 14.51 -10.95
CA THR A 197 -14.68 15.59 -11.91
C THR A 197 -15.99 15.49 -12.66
N VAL A 198 -16.64 16.64 -12.89
CA VAL A 198 -17.96 16.71 -13.53
C VAL A 198 -17.96 17.88 -14.50
N PRO A 199 -19.00 18.00 -15.36
CA PRO A 199 -19.10 19.22 -16.18
C PRO A 199 -19.46 20.43 -15.32
N SER A 200 -18.71 21.52 -15.47
CA SER A 200 -18.96 22.76 -14.73
C SER A 200 -20.39 23.34 -14.90
N SER A 201 -20.97 23.22 -16.09
CA SER A 201 -22.35 23.70 -16.33
C SER A 201 -23.39 23.05 -15.40
N SER A 202 -23.19 21.76 -15.07
CA SER A 202 -24.06 21.05 -14.15
C SER A 202 -24.11 21.62 -12.73
N LEU A 203 -23.06 22.32 -12.28
CA LEU A 203 -23.04 22.86 -10.90
C LEU A 203 -24.18 23.84 -10.56
N GLY A 204 -24.80 24.43 -11.58
CA GLY A 204 -26.05 25.18 -11.40
C GLY A 204 -27.20 24.27 -10.93
N THR A 205 -27.47 23.25 -11.74
CA THR A 205 -28.63 22.37 -11.58
C THR A 205 -28.40 21.08 -10.74
N GLN A 206 -27.25 20.44 -10.94
CA GLN A 206 -26.94 19.11 -10.37
C GLN A 206 -26.26 19.20 -8.99
N THR A 207 -26.95 18.68 -7.97
CA THR A 207 -26.37 18.54 -6.62
C THR A 207 -25.55 17.26 -6.54
N TYR A 208 -24.40 17.36 -5.87
CA TYR A 208 -23.53 16.21 -5.66
C TYR A 208 -23.42 15.92 -4.19
N ILE A 209 -23.66 14.65 -3.84
CA ILE A 209 -23.67 14.16 -2.46
C ILE A 209 -22.66 13.03 -2.36
N CYS A 210 -21.74 13.09 -1.40
CA CYS A 210 -20.95 11.87 -1.09
C CYS A 210 -21.62 11.06 0.03
N ASN A 211 -21.61 9.74 -0.12
CA ASN A 211 -22.24 8.81 0.83
C ASN A 211 -21.15 7.99 1.49
N VAL A 212 -20.89 8.27 2.76
CA VAL A 212 -19.76 7.70 3.49
C VAL A 212 -20.26 6.73 4.57
N ASN A 213 -19.87 5.45 4.45
CA ASN A 213 -20.19 4.41 5.44
C ASN A 213 -18.94 3.94 6.16
N HIS A 214 -19.06 3.79 7.47
CA HIS A 214 -18.01 3.19 8.28
C HIS A 214 -18.72 2.09 9.06
N LYS A 215 -18.63 0.85 8.56
CA LYS A 215 -19.31 -0.30 9.18
C LYS A 215 -18.95 -0.50 10.65
N PRO A 216 -17.64 -0.44 11.01
CA PRO A 216 -17.26 -0.70 12.41
C PRO A 216 -18.01 0.13 13.47
N SER A 217 -18.36 1.37 13.16
CA SER A 217 -19.08 2.25 14.09
C SER A 217 -20.54 2.39 13.75
N ASN A 218 -21.02 1.67 12.75
CA ASN A 218 -22.40 1.81 12.25
C ASN A 218 -22.75 3.27 11.96
N THR A 219 -21.87 3.95 11.24
CA THR A 219 -22.11 5.36 10.87
C THR A 219 -22.26 5.52 9.38
N LYS A 220 -23.10 6.45 8.99
CA LYS A 220 -23.27 6.83 7.59
C LYS A 220 -23.44 8.34 7.54
N VAL A 221 -22.67 8.98 6.65
CA VAL A 221 -22.81 10.43 6.45
C VAL A 221 -23.03 10.71 4.96
N ASP A 222 -24.11 11.41 4.66
CA ASP A 222 -24.34 11.97 3.33
C ASP A 222 -23.97 13.45 3.40
N LYS A 223 -22.99 13.88 2.61
CA LYS A 223 -22.55 15.28 2.62
C LYS A 223 -22.78 15.94 1.27
N LYS A 224 -23.65 16.95 1.27
CA LYS A 224 -23.90 17.76 0.10
C LYS A 224 -22.69 18.64 -0.16
N VAL A 225 -22.22 18.64 -1.41
CA VAL A 225 -21.03 19.39 -1.80
C VAL A 225 -21.45 20.57 -2.65
N GLU A 226 -21.09 21.77 -2.19
CA GLU A 226 -21.66 23.02 -2.69
C GLU A 226 -20.52 23.90 -3.21
N PRO A 227 -20.75 24.65 -4.29
CA PRO A 227 -19.69 25.57 -4.75
C PRO A 227 -19.28 26.64 -3.72
N LYS A 228 -18.03 27.09 -3.83
CA LYS A 228 -17.47 28.14 -2.98
C LYS A 228 -17.11 29.40 -3.81
N SER A 229 -17.10 30.57 -3.15
CA SER A 229 -16.79 31.89 -3.79
C SER A 229 -15.36 32.07 -4.31
N CYS A 230 -14.45 31.16 -3.90
CA CYS A 230 -13.03 31.19 -4.30
C CYS A 230 -12.86 31.09 -5.82
N ALA B 1 21.97 -11.01 8.30
CA ALA B 1 23.13 -10.19 7.87
C ALA B 1 23.14 -9.94 6.35
N ILE B 2 22.63 -10.88 5.55
CA ILE B 2 22.72 -10.77 4.08
C ILE B 2 21.70 -9.78 3.55
N ARG B 3 22.21 -8.68 3.03
CA ARG B 3 21.37 -7.63 2.50
C ARG B 3 21.11 -7.87 1.03
N MET B 4 19.84 -7.69 0.66
CA MET B 4 19.39 -7.86 -0.72
C MET B 4 18.98 -6.51 -1.29
N THR B 5 19.45 -6.22 -2.49
CA THR B 5 19.12 -5.00 -3.22
C THR B 5 18.47 -5.36 -4.56
N GLN B 6 17.66 -4.46 -5.09
CA GLN B 6 17.03 -4.66 -6.39
C GLN B 6 17.10 -3.37 -7.19
N SER B 7 17.25 -3.50 -8.50
CA SER B 7 17.14 -2.37 -9.40
C SER B 7 16.52 -2.78 -10.75
N PRO B 8 15.78 -1.88 -11.40
CA PRO B 8 15.42 -0.57 -10.84
C PRO B 8 14.36 -0.69 -9.76
N SER B 9 14.05 0.40 -9.06
CA SER B 9 12.99 0.36 -8.05
C SER B 9 11.65 0.27 -8.76
N SER B 10 11.58 0.77 -9.99
CA SER B 10 10.38 0.61 -10.79
C SER B 10 10.65 0.67 -12.29
N VAL B 11 9.79 0.01 -13.07
CA VAL B 11 9.92 -0.09 -14.54
C VAL B 11 8.57 0.14 -15.18
N SER B 12 8.56 0.87 -16.28
CA SER B 12 7.38 1.06 -17.09
C SER B 12 7.57 0.29 -18.36
N ALA B 13 6.60 -0.56 -18.68
CA ALA B 13 6.69 -1.41 -19.88
C ALA B 13 5.32 -1.59 -20.55
N SER B 14 5.37 -2.08 -21.78
CA SER B 14 4.16 -2.33 -22.57
C SER B 14 3.96 -3.82 -22.76
N VAL B 15 2.74 -4.22 -23.02
CA VAL B 15 2.43 -5.63 -23.32
C VAL B 15 3.30 -6.06 -24.51
N GLY B 16 3.94 -7.22 -24.41
CA GLY B 16 4.84 -7.70 -25.45
C GLY B 16 6.32 -7.39 -25.20
N ASP B 17 6.63 -6.35 -24.42
CA ASP B 17 8.03 -6.01 -24.07
C ASP B 17 8.80 -7.12 -23.34
N ARG B 18 10.12 -7.10 -23.50
CA ARG B 18 11.03 -7.88 -22.67
C ARG B 18 11.42 -7.02 -21.48
N VAL B 19 11.35 -7.55 -20.27
CA VAL B 19 11.65 -6.78 -19.06
C VAL B 19 12.68 -7.54 -18.24
N THR B 20 13.75 -6.87 -17.82
CA THR B 20 14.77 -7.51 -16.97
C THR B 20 14.95 -6.74 -15.66
N ILE B 21 14.90 -7.47 -14.54
CA ILE B 21 15.08 -6.93 -13.20
C ILE B 21 16.30 -7.60 -12.60
N THR B 22 17.03 -6.87 -11.78
CA THR B 22 18.24 -7.40 -11.17
C THR B 22 18.11 -7.38 -9.64
N CYS B 23 18.73 -8.38 -9.04
CA CYS B 23 18.82 -8.55 -7.62
C CYS B 23 20.29 -8.79 -7.26
N ARG B 24 20.70 -8.29 -6.11
CA ARG B 24 22.05 -8.43 -5.63
C ARG B 24 22.07 -8.74 -4.13
N ALA B 25 22.87 -9.74 -3.75
CA ALA B 25 23.13 -10.09 -2.36
C ALA B 25 24.47 -9.50 -1.95
N SER B 26 24.58 -9.15 -0.66
CA SER B 26 25.77 -8.49 -0.11
C SER B 26 26.95 -9.45 0.04
N GLN B 27 26.68 -10.75 0.00
CA GLN B 27 27.70 -11.81 -0.10
C GLN B 27 27.14 -12.99 -0.91
N SER B 28 28.00 -13.94 -1.23
CA SER B 28 27.64 -15.00 -2.15
C SER B 28 26.61 -15.93 -1.55
N ILE B 29 25.60 -16.28 -2.34
CA ILE B 29 24.56 -17.21 -1.91
C ILE B 29 24.42 -18.39 -2.87
N SER B 30 25.49 -18.67 -3.61
CA SER B 30 25.48 -19.71 -4.63
C SER B 30 24.28 -19.52 -5.57
N SER B 31 23.41 -20.52 -5.70
CA SER B 31 22.20 -20.34 -6.50
C SER B 31 20.96 -20.37 -5.64
N TRP B 32 21.09 -20.08 -4.34
CA TRP B 32 19.95 -20.17 -3.42
C TRP B 32 19.17 -18.86 -3.41
N LEU B 33 18.57 -18.56 -4.58
CA LEU B 33 17.86 -17.32 -4.77
C LEU B 33 16.49 -17.61 -5.39
N ALA B 34 15.43 -17.07 -4.78
CA ALA B 34 14.07 -17.21 -5.25
C ALA B 34 13.52 -15.87 -5.71
N TRP B 35 12.63 -15.89 -6.69
CA TRP B 35 11.87 -14.73 -7.09
C TRP B 35 10.37 -14.95 -6.82
N TYR B 36 9.69 -13.88 -6.40
CA TYR B 36 8.23 -13.91 -6.11
C TYR B 36 7.54 -12.77 -6.82
N GLN B 37 6.27 -12.97 -7.15
CA GLN B 37 5.40 -11.92 -7.69
C GLN B 37 4.40 -11.59 -6.62
N GLN B 38 4.12 -10.30 -6.43
CA GLN B 38 3.02 -9.90 -5.56
C GLN B 38 2.18 -8.85 -6.25
N LYS B 39 0.86 -9.02 -6.11
CA LYS B 39 -0.08 -8.03 -6.56
C LYS B 39 -0.78 -7.38 -5.35
N PRO B 40 -1.40 -6.20 -5.56
CA PRO B 40 -2.05 -5.48 -4.44
C PRO B 40 -3.12 -6.29 -3.74
N GLY B 41 -3.00 -6.40 -2.42
CA GLY B 41 -3.95 -7.07 -1.58
C GLY B 41 -3.80 -8.58 -1.53
N LYS B 42 -2.70 -9.12 -2.08
CA LYS B 42 -2.54 -10.56 -2.27
C LYS B 42 -1.22 -11.02 -1.75
N ALA B 43 -1.16 -12.32 -1.51
CA ALA B 43 0.05 -12.93 -1.02
C ALA B 43 1.09 -13.05 -2.12
N PRO B 44 2.39 -13.12 -1.75
CA PRO B 44 3.40 -13.43 -2.76
C PRO B 44 3.19 -14.82 -3.38
N LYS B 45 3.57 -14.93 -4.64
CA LYS B 45 3.55 -16.19 -5.37
C LYS B 45 4.97 -16.49 -5.83
N LEU B 46 5.40 -17.74 -5.68
CA LEU B 46 6.72 -18.20 -6.15
C LEU B 46 6.79 -18.37 -7.68
N LEU B 47 7.78 -17.73 -8.30
CA LEU B 47 8.06 -17.90 -9.73
C LEU B 47 9.30 -18.77 -10.02
N ILE B 48 10.43 -18.42 -9.41
CA ILE B 48 11.74 -19.02 -9.69
C ILE B 48 12.40 -19.44 -8.38
N TYR B 49 13.01 -20.63 -8.39
CA TYR B 49 13.86 -21.09 -7.27
C TYR B 49 15.15 -21.67 -7.84
N SER B 50 16.15 -21.84 -6.97
CA SER B 50 17.51 -22.20 -7.37
C SER B 50 18.04 -21.26 -8.46
N ALA B 51 17.66 -19.98 -8.38
CA ALA B 51 18.09 -18.94 -9.32
C ALA B 51 17.47 -19.01 -10.73
N SER B 52 17.30 -20.22 -11.27
CA SER B 52 16.87 -20.42 -12.64
C SER B 52 15.86 -21.55 -12.86
N SER B 53 15.39 -22.23 -11.81
CA SER B 53 14.40 -23.28 -11.99
C SER B 53 13.01 -22.64 -11.89
N LEU B 54 12.19 -22.90 -12.91
CA LEU B 54 10.84 -22.38 -13.04
C LEU B 54 9.93 -23.21 -12.18
N GLN B 55 9.14 -22.55 -11.34
CA GLN B 55 8.17 -23.23 -10.50
C GLN B 55 7.04 -23.80 -11.37
N SER B 56 6.58 -24.99 -11.01
CA SER B 56 5.55 -25.67 -11.78
C SER B 56 4.29 -24.78 -11.87
N GLY B 57 3.72 -24.69 -13.08
CA GLY B 57 2.55 -23.85 -13.32
C GLY B 57 2.85 -22.41 -13.74
N VAL B 58 4.08 -21.95 -13.51
CA VAL B 58 4.50 -20.57 -13.83
C VAL B 58 4.85 -20.50 -15.33
N PRO B 59 4.33 -19.50 -16.05
CA PRO B 59 4.59 -19.39 -17.50
C PRO B 59 6.07 -19.25 -17.86
N SER B 60 6.49 -19.89 -18.95
CA SER B 60 7.90 -19.92 -19.34
C SER B 60 8.45 -18.55 -19.79
N ARG B 61 7.59 -17.54 -19.94
CA ARG B 61 8.08 -16.17 -20.15
C ARG B 61 8.85 -15.62 -18.96
N PHE B 62 8.62 -16.15 -17.75
CA PHE B 62 9.49 -15.86 -16.62
C PHE B 62 10.71 -16.77 -16.66
N SER B 63 11.88 -16.19 -16.44
CA SER B 63 13.11 -16.97 -16.31
C SER B 63 14.11 -16.20 -15.49
N GLY B 64 14.99 -16.93 -14.81
CA GLY B 64 15.99 -16.34 -13.93
C GLY B 64 17.37 -16.79 -14.35
N SER B 65 18.38 -16.01 -13.96
CA SER B 65 19.79 -16.35 -14.18
C SER B 65 20.65 -15.73 -13.11
N GLY B 66 21.91 -16.13 -13.10
CA GLY B 66 22.89 -15.62 -12.17
C GLY B 66 23.24 -16.62 -11.09
N SER B 67 24.40 -16.39 -10.48
CA SER B 67 24.87 -17.15 -9.33
C SER B 67 25.90 -16.29 -8.61
N GLY B 68 26.07 -16.56 -7.31
CA GLY B 68 26.96 -15.78 -6.45
C GLY B 68 26.22 -14.64 -5.78
N THR B 69 26.50 -13.42 -6.22
CA THR B 69 25.86 -12.24 -5.69
C THR B 69 24.89 -11.57 -6.65
N ASP B 70 25.07 -11.74 -7.97
CA ASP B 70 24.28 -10.99 -8.95
C ASP B 70 23.33 -11.93 -9.67
N PHE B 71 22.07 -11.49 -9.79
CA PHE B 71 20.97 -12.29 -10.30
C PHE B 71 20.02 -11.46 -11.16
N THR B 72 19.33 -12.12 -12.10
CA THR B 72 18.43 -11.47 -13.05
C THR B 72 17.10 -12.23 -13.14
N LEU B 73 15.99 -11.50 -13.15
CA LEU B 73 14.67 -12.02 -13.54
C LEU B 73 14.34 -11.39 -14.89
N THR B 74 13.97 -12.22 -15.86
CA THR B 74 13.56 -11.75 -17.17
C THR B 74 12.13 -12.18 -17.47
N ILE B 75 11.29 -11.23 -17.90
CA ILE B 75 9.95 -11.52 -18.44
C ILE B 75 10.03 -11.26 -19.92
N SER B 76 9.93 -12.30 -20.75
CA SER B 76 10.37 -12.19 -22.16
C SER B 76 9.37 -11.47 -23.10
N SER B 77 8.06 -11.66 -22.84
CA SER B 77 6.98 -11.03 -23.63
C SER B 77 5.82 -10.75 -22.68
N LEU B 78 5.86 -9.56 -22.10
CA LEU B 78 5.01 -9.23 -20.98
C LEU B 78 3.50 -9.28 -21.31
N GLN B 79 2.72 -9.83 -20.38
CA GLN B 79 1.26 -9.92 -20.52
C GLN B 79 0.57 -9.04 -19.48
N PRO B 80 -0.73 -8.70 -19.69
CA PRO B 80 -1.41 -7.80 -18.74
C PRO B 80 -1.40 -8.28 -17.30
N GLU B 81 -1.41 -9.59 -17.11
CA GLU B 81 -1.37 -10.14 -15.77
C GLU B 81 0.01 -10.06 -15.09
N ASP B 82 1.04 -9.56 -15.79
CA ASP B 82 2.41 -9.52 -15.25
C ASP B 82 2.76 -8.20 -14.60
N PHE B 83 1.90 -7.20 -14.78
CA PHE B 83 2.09 -5.94 -14.08
C PHE B 83 1.89 -6.17 -12.59
N ALA B 84 2.95 -5.96 -11.82
CA ALA B 84 3.03 -6.40 -10.43
C ALA B 84 4.37 -6.00 -9.82
N THR B 85 4.54 -6.30 -8.54
CA THR B 85 5.82 -6.09 -7.86
C THR B 85 6.52 -7.44 -7.76
N TYR B 86 7.84 -7.42 -8.01
CA TYR B 86 8.67 -8.61 -7.98
C TYR B 86 9.71 -8.47 -6.89
N TYR B 87 9.84 -9.49 -6.05
CA TYR B 87 10.79 -9.51 -4.95
C TYR B 87 11.76 -10.68 -5.09
N CYS B 88 13.04 -10.47 -4.78
CA CYS B 88 13.98 -11.56 -4.62
C CYS B 88 14.15 -11.91 -3.14
N GLN B 89 14.58 -13.15 -2.87
CA GLN B 89 14.86 -13.62 -1.52
C GLN B 89 16.04 -14.55 -1.58
N GLN B 90 17.05 -14.30 -0.75
CA GLN B 90 18.13 -15.28 -0.55
C GLN B 90 17.58 -16.40 0.34
N ALA B 91 17.82 -17.65 -0.09
CA ALA B 91 17.35 -18.82 0.62
C ALA B 91 18.51 -19.59 1.27
N ASN B 92 19.65 -18.93 1.38
CA ASN B 92 20.94 -19.51 1.79
C ASN B 92 21.05 -19.69 3.30
N SER B 93 20.65 -18.68 4.07
CA SER B 93 20.91 -18.69 5.51
C SER B 93 20.03 -17.76 6.33
N PHE B 94 19.95 -18.06 7.62
CA PHE B 94 19.15 -17.29 8.53
C PHE B 94 19.84 -15.94 8.75
N PRO B 95 19.11 -14.84 8.91
CA PRO B 95 17.67 -14.76 8.67
C PRO B 95 17.43 -14.68 7.18
N PHE B 96 16.41 -15.36 6.64
CA PHE B 96 16.08 -15.19 5.24
C PHE B 96 15.72 -13.73 5.02
N THR B 97 16.15 -13.19 3.88
CA THR B 97 16.05 -11.77 3.61
C THR B 97 15.60 -11.53 2.20
N PHE B 98 14.80 -10.49 2.03
CA PHE B 98 14.15 -10.18 0.76
C PHE B 98 14.70 -8.88 0.24
N GLY B 99 14.78 -8.72 -1.06
CA GLY B 99 15.05 -7.42 -1.65
C GLY B 99 13.82 -6.52 -1.52
N PRO B 100 13.95 -5.23 -1.86
CA PRO B 100 12.92 -4.24 -1.56
C PRO B 100 11.79 -4.16 -2.59
N GLY B 101 11.92 -4.86 -3.71
CA GLY B 101 10.86 -4.98 -4.69
C GLY B 101 11.08 -4.09 -5.89
N THR B 102 10.61 -4.53 -7.04
CA THR B 102 10.64 -3.74 -8.27
C THR B 102 9.21 -3.75 -8.82
N LYS B 103 8.62 -2.58 -8.95
CA LYS B 103 7.26 -2.48 -9.46
C LYS B 103 7.32 -2.31 -10.95
N VAL B 104 6.58 -3.13 -11.69
CA VAL B 104 6.45 -2.99 -13.12
C VAL B 104 5.07 -2.44 -13.42
N ASP B 105 5.00 -1.22 -13.93
CA ASP B 105 3.73 -0.59 -14.25
C ASP B 105 3.57 -0.38 -15.77
N ILE B 106 2.42 0.16 -16.16
CA ILE B 106 2.04 0.22 -17.58
C ILE B 106 2.56 1.52 -18.20
N LYS B 107 3.30 1.38 -19.31
CA LYS B 107 3.79 2.55 -20.04
C LYS B 107 2.66 3.17 -20.86
N ARG B 108 2.60 4.48 -20.84
CA ARG B 108 1.77 5.25 -21.74
C ARG B 108 2.55 6.53 -21.98
N THR B 109 1.98 7.42 -22.78
CA THR B 109 2.62 8.71 -23.02
C THR B 109 2.52 9.57 -21.77
N VAL B 110 3.45 10.54 -21.68
CA VAL B 110 3.54 11.45 -20.55
C VAL B 110 2.25 12.29 -20.48
N ALA B 111 1.74 12.48 -19.27
CA ALA B 111 0.55 13.28 -19.06
C ALA B 111 0.74 14.12 -17.81
N ALA B 112 0.67 15.44 -17.96
CA ALA B 112 0.85 16.34 -16.83
C ALA B 112 -0.40 16.28 -15.94
N PRO B 113 -0.23 16.45 -14.62
CA PRO B 113 -1.38 16.47 -13.74
C PRO B 113 -2.21 17.72 -13.96
N SER B 114 -3.52 17.59 -13.90
CA SER B 114 -4.37 18.75 -13.69
C SER B 114 -4.35 19.01 -12.17
N VAL B 115 -4.22 20.26 -11.78
CA VAL B 115 -3.93 20.61 -10.41
C VAL B 115 -5.07 21.46 -9.91
N PHE B 116 -5.70 21.01 -8.83
CA PHE B 116 -6.83 21.72 -8.26
C PHE B 116 -6.56 21.95 -6.78
N ILE B 117 -7.18 22.98 -6.22
CA ILE B 117 -7.03 23.29 -4.79
C ILE B 117 -8.38 23.52 -4.12
N PHE B 118 -8.40 23.10 -2.86
CA PHE B 118 -9.60 23.08 -2.05
C PHE B 118 -9.27 23.70 -0.69
N PRO B 119 -9.85 24.87 -0.39
CA PRO B 119 -9.76 25.38 0.98
C PRO B 119 -10.54 24.50 1.97
N PRO B 120 -10.31 24.69 3.28
CA PRO B 120 -11.06 23.97 4.31
C PRO B 120 -12.50 24.45 4.37
N SER B 121 -13.39 23.54 4.76
CA SER B 121 -14.81 23.81 4.86
C SER B 121 -15.11 24.73 6.04
N ASP B 122 -16.26 25.40 5.98
CA ASP B 122 -16.77 26.20 7.09
C ASP B 122 -16.90 25.29 8.29
N GLU B 123 -17.61 24.18 8.07
CA GLU B 123 -17.84 23.18 9.11
C GLU B 123 -16.58 22.79 9.89
N GLN B 124 -15.52 22.37 9.19
CA GLN B 124 -14.28 21.94 9.85
C GLN B 124 -13.66 23.06 10.69
N LEU B 125 -13.66 24.27 10.15
CA LEU B 125 -13.02 25.41 10.80
C LEU B 125 -13.58 25.70 12.18
N LYS B 126 -14.92 25.69 12.30
CA LYS B 126 -15.60 25.75 13.60
C LYS B 126 -15.01 24.75 14.61
N SER B 127 -14.80 23.51 14.18
CA SER B 127 -14.27 22.45 15.05
C SER B 127 -12.78 22.57 15.37
N GLY B 128 -12.11 23.60 14.87
CA GLY B 128 -10.79 23.99 15.35
C GLY B 128 -9.59 23.51 14.56
N THR B 129 -9.81 22.87 13.41
CA THR B 129 -8.73 22.41 12.54
C THR B 129 -9.01 22.83 11.09
N ALA B 130 -7.95 22.94 10.30
CA ALA B 130 -8.06 23.33 8.89
C ALA B 130 -7.27 22.36 8.04
N SER B 131 -7.97 21.71 7.11
CA SER B 131 -7.37 20.82 6.13
C SER B 131 -7.48 21.46 4.75
N VAL B 132 -6.33 21.63 4.10
CA VAL B 132 -6.27 22.20 2.76
C VAL B 132 -5.83 21.07 1.88
N VAL B 133 -6.53 20.88 0.77
CA VAL B 133 -6.27 19.75 -0.11
C VAL B 133 -5.85 20.20 -1.51
N CYS B 134 -4.83 19.52 -2.02
CA CYS B 134 -4.32 19.73 -3.34
C CYS B 134 -4.41 18.40 -4.08
N LEU B 135 -5.13 18.42 -5.21
CA LEU B 135 -5.38 17.26 -6.04
C LEU B 135 -4.51 17.34 -7.31
N LEU B 136 -3.71 16.29 -7.56
CA LEU B 136 -3.03 16.07 -8.84
C LEU B 136 -3.73 14.94 -9.61
N ASN B 137 -4.44 15.32 -10.67
CA ASN B 137 -5.34 14.40 -11.34
C ASN B 137 -4.83 13.91 -12.68
N ASN B 138 -4.87 12.59 -12.86
CA ASN B 138 -4.65 11.89 -14.13
C ASN B 138 -3.32 12.22 -14.82
N PHE B 139 -2.23 11.84 -14.16
CA PHE B 139 -0.88 12.08 -14.67
C PHE B 139 -0.07 10.80 -14.86
N TYR B 140 1.00 10.93 -15.64
CA TYR B 140 1.97 9.86 -15.88
C TYR B 140 3.32 10.48 -16.35
N PRO B 141 4.48 10.05 -15.83
CA PRO B 141 4.63 8.89 -14.92
C PRO B 141 4.20 9.13 -13.48
N ARG B 142 4.37 8.10 -12.67
CA ARG B 142 4.09 8.13 -11.24
C ARG B 142 4.84 9.25 -10.47
N GLU B 143 6.08 9.52 -10.85
CA GLU B 143 6.94 10.40 -10.06
C GLU B 143 6.39 11.82 -10.08
N ALA B 144 6.32 12.43 -8.91
CA ALA B 144 5.80 13.79 -8.80
C ALA B 144 6.22 14.38 -7.47
N LYS B 145 6.19 15.71 -7.38
CA LYS B 145 6.55 16.41 -6.16
C LYS B 145 5.54 17.52 -5.87
N VAL B 146 5.07 17.55 -4.62
CA VAL B 146 4.20 18.61 -4.13
C VAL B 146 4.93 19.39 -3.05
N GLN B 147 4.83 20.71 -3.10
CA GLN B 147 5.30 21.58 -2.04
C GLN B 147 4.20 22.54 -1.66
N TRP B 148 4.02 22.70 -0.36
CA TRP B 148 3.04 23.62 0.18
C TRP B 148 3.71 24.92 0.54
N LYS B 149 3.05 26.04 0.25
CA LYS B 149 3.55 27.35 0.62
C LYS B 149 2.43 28.18 1.21
N VAL B 150 2.78 28.95 2.24
CA VAL B 150 1.81 29.74 3.00
C VAL B 150 2.45 31.11 3.16
N ASP B 151 1.86 32.12 2.53
CA ASP B 151 2.51 33.44 2.35
C ASP B 151 3.94 33.29 1.76
N ASN B 152 4.05 32.38 0.79
CA ASN B 152 5.31 32.03 0.11
C ASN B 152 6.37 31.29 0.96
N ALA B 153 6.12 31.11 2.25
CA ALA B 153 7.03 30.35 3.13
C ALA B 153 6.81 28.86 2.91
N LEU B 154 7.86 28.12 2.56
CA LEU B 154 7.76 26.67 2.32
C LEU B 154 7.44 25.90 3.61
N GLN B 155 6.63 24.84 3.50
CA GLN B 155 6.18 24.03 4.63
C GLN B 155 6.87 22.68 4.62
N SER B 156 7.09 22.14 5.81
CA SER B 156 7.65 20.78 5.99
C SER B 156 7.07 20.13 7.25
N GLY B 157 6.74 18.84 7.15
CA GLY B 157 6.30 18.04 8.32
C GLY B 157 4.83 18.07 8.70
N ASN B 158 4.05 18.99 8.12
CA ASN B 158 2.61 19.15 8.41
C ASN B 158 1.65 18.73 7.26
N SER B 159 2.10 17.89 6.34
CA SER B 159 1.28 17.49 5.20
C SER B 159 1.42 15.99 4.95
N GLN B 160 0.37 15.39 4.38
CA GLN B 160 0.37 13.95 4.01
C GLN B 160 -0.22 13.74 2.61
N GLU B 161 0.24 12.70 1.93
CA GLU B 161 -0.27 12.36 0.61
C GLU B 161 -0.47 10.88 0.38
N SER B 162 -1.35 10.56 -0.56
CA SER B 162 -1.49 9.18 -1.02
C SER B 162 -1.79 9.22 -2.51
N VAL B 163 -1.65 8.06 -3.14
CA VAL B 163 -1.73 7.94 -4.59
C VAL B 163 -2.59 6.75 -4.94
N THR B 164 -3.43 6.89 -5.96
CA THR B 164 -4.28 5.81 -6.43
C THR B 164 -3.43 4.79 -7.18
N GLU B 165 -3.98 3.59 -7.37
CA GLU B 165 -3.35 2.59 -8.23
C GLU B 165 -3.53 3.06 -9.68
N GLN B 166 -2.63 2.61 -10.56
CA GLN B 166 -2.65 3.01 -11.96
C GLN B 166 -4.02 2.69 -12.54
N ASP B 167 -4.64 3.65 -13.20
CA ASP B 167 -6.00 3.49 -13.71
C ASP B 167 -6.04 2.41 -14.80
N SER B 168 -6.99 1.47 -14.71
CA SER B 168 -7.07 0.36 -15.68
C SER B 168 -7.50 0.78 -17.11
N LYS B 169 -8.16 1.94 -17.24
CA LYS B 169 -8.59 2.50 -18.53
C LYS B 169 -7.50 3.35 -19.19
N ASP B 170 -7.03 4.39 -18.51
CA ASP B 170 -6.10 5.40 -19.09
C ASP B 170 -4.65 5.34 -18.57
N SER B 171 -4.36 4.39 -17.70
CA SER B 171 -2.99 4.15 -17.15
C SER B 171 -2.37 5.35 -16.41
N THR B 172 -3.20 6.26 -15.88
CA THR B 172 -2.72 7.40 -15.11
C THR B 172 -2.80 7.16 -13.62
N TYR B 173 -2.15 8.07 -12.89
CA TYR B 173 -2.18 8.13 -11.43
C TYR B 173 -2.86 9.43 -11.06
N SER B 174 -3.55 9.41 -9.91
CA SER B 174 -3.92 10.65 -9.23
C SER B 174 -3.32 10.67 -7.83
N LEU B 175 -3.06 11.86 -7.32
CA LEU B 175 -2.46 12.05 -6.00
C LEU B 175 -3.20 13.14 -5.20
N SER B 176 -3.39 12.86 -3.92
CA SER B 176 -4.06 13.77 -2.99
C SER B 176 -3.02 14.14 -1.95
N SER B 177 -2.86 15.44 -1.67
CA SER B 177 -1.96 15.93 -0.63
C SER B 177 -2.74 16.81 0.32
N THR B 178 -2.65 16.53 1.62
CA THR B 178 -3.39 17.28 2.64
C THR B 178 -2.47 18.07 3.56
N LEU B 179 -2.75 19.36 3.70
CA LEU B 179 -2.04 20.24 4.61
C LEU B 179 -2.93 20.50 5.81
N THR B 180 -2.42 20.18 7.01
CA THR B 180 -3.21 20.30 8.22
C THR B 180 -2.58 21.28 9.20
N LEU B 181 -3.35 22.33 9.54
CA LEU B 181 -3.00 23.30 10.57
C LEU B 181 -4.16 23.45 11.55
N SER B 182 -3.86 24.00 12.73
CA SER B 182 -4.89 24.41 13.67
C SER B 182 -5.60 25.64 13.10
N LYS B 183 -6.79 25.93 13.61
CA LYS B 183 -7.53 27.11 13.18
C LYS B 183 -6.76 28.40 13.51
N ALA B 184 -6.00 28.38 14.61
CA ALA B 184 -5.21 29.55 15.06
C ALA B 184 -4.15 29.95 14.03
N ASP B 185 -3.37 28.98 13.58
CA ASP B 185 -2.35 29.20 12.55
C ASP B 185 -2.98 29.54 11.23
N TYR B 186 -3.96 28.74 10.79
CA TYR B 186 -4.65 28.97 9.51
C TYR B 186 -5.16 30.42 9.33
N GLU B 187 -5.66 31.02 10.40
CA GLU B 187 -6.17 32.39 10.36
C GLU B 187 -5.10 33.48 10.48
N LYS B 188 -3.84 33.10 10.71
CA LYS B 188 -2.73 34.06 10.72
C LYS B 188 -2.29 34.44 9.30
N HIS B 189 -2.30 33.46 8.40
CA HIS B 189 -1.80 33.63 7.03
C HIS B 189 -2.95 33.82 6.04
N LYS B 190 -2.65 34.27 4.82
CA LYS B 190 -3.67 34.53 3.78
C LYS B 190 -3.59 33.59 2.56
N VAL B 191 -2.41 33.49 1.95
CA VAL B 191 -2.21 32.81 0.67
C VAL B 191 -1.73 31.39 0.88
N TYR B 192 -2.54 30.42 0.43
CA TYR B 192 -2.21 29.00 0.55
C TYR B 192 -1.99 28.44 -0.83
N ALA B 193 -0.81 27.89 -1.04
CA ALA B 193 -0.34 27.54 -2.36
C ALA B 193 0.19 26.12 -2.42
N CYS B 194 -0.25 25.40 -3.45
CA CYS B 194 0.27 24.09 -3.76
C CYS B 194 1.11 24.25 -5.01
N GLU B 195 2.39 23.87 -4.92
CA GLU B 195 3.31 23.97 -6.06
C GLU B 195 3.74 22.57 -6.48
N VAL B 196 3.46 22.23 -7.75
CA VAL B 196 3.61 20.88 -8.25
C VAL B 196 4.69 20.81 -9.31
N THR B 197 5.55 19.80 -9.18
CA THR B 197 6.66 19.55 -10.09
C THR B 197 6.50 18.16 -10.69
N HIS B 198 6.62 18.07 -12.03
CA HIS B 198 6.38 16.82 -12.76
C HIS B 198 6.89 16.88 -14.22
N GLN B 199 7.32 15.73 -14.71
CA GLN B 199 7.94 15.58 -16.05
C GLN B 199 7.14 16.27 -17.17
N GLY B 200 5.86 15.95 -17.27
CA GLY B 200 4.92 16.63 -18.17
C GLY B 200 4.71 18.14 -18.07
N LEU B 201 5.20 18.77 -17.01
CA LEU B 201 5.18 20.25 -16.89
C LEU B 201 6.57 20.80 -17.24
N SER B 202 6.62 21.87 -18.02
CA SER B 202 7.91 22.44 -18.42
C SER B 202 8.53 23.26 -17.28
N SER B 203 7.70 23.76 -16.35
CA SER B 203 8.18 24.29 -15.07
C SER B 203 7.10 24.11 -14.01
N PRO B 204 7.46 24.18 -12.71
CA PRO B 204 6.51 23.87 -11.63
C PRO B 204 5.28 24.78 -11.60
N VAL B 205 4.10 24.18 -11.41
CA VAL B 205 2.83 24.89 -11.43
C VAL B 205 2.33 25.12 -10.01
N THR B 206 1.76 26.30 -9.78
CA THR B 206 1.25 26.72 -8.50
C THR B 206 -0.25 26.96 -8.64
N LYS B 207 -1.02 26.38 -7.72
CA LYS B 207 -2.41 26.73 -7.54
C LYS B 207 -2.57 27.27 -6.13
N SER B 208 -3.39 28.31 -5.97
CA SER B 208 -3.55 28.96 -4.67
C SER B 208 -4.88 29.68 -4.53
N PHE B 209 -5.18 30.12 -3.31
CA PHE B 209 -6.34 30.99 -3.03
C PHE B 209 -6.01 31.96 -1.88
N ASN B 210 -6.83 33.01 -1.72
CA ASN B 210 -6.77 33.92 -0.57
C ASN B 210 -7.82 33.57 0.45
N ARG B 211 -7.39 33.24 1.66
CA ARG B 211 -8.31 32.95 2.75
C ARG B 211 -9.36 34.06 2.86
N GLY B 212 -10.63 33.67 2.84
CA GLY B 212 -11.75 34.61 2.95
C GLY B 212 -12.17 35.22 1.62
N GLU B 213 -12.35 34.38 0.61
CA GLU B 213 -12.95 34.81 -0.68
C GLU B 213 -13.83 33.69 -1.26
#